data_5WLY
#
_entry.id   5WLY
#
_cell.length_a   57.012
_cell.length_b   62.064
_cell.length_c   66.047
_cell.angle_alpha   90.000
_cell.angle_beta   90.000
_cell.angle_gamma   90.000
#
_symmetry.space_group_name_H-M   'P 21 2 21'
#
loop_
_entity.id
_entity.type
_entity.pdbx_description
1 polymer 'UDP-2,3-diacylglucosamine hydrolase'
2 non-polymer 'MANGANESE (II) ION'
3 non-polymer 'CHLORIDE ION'
4 non-polymer 'FORMIC ACID'
5 non-polymer 1,2-ETHANEDIOL
6 water water
#
_entity_poly.entity_id   1
_entity_poly.type   'polypeptide(L)'
_entity_poly.pdbx_seq_one_letter_code
;MATLFIADLHLCVAAPAITAGFLRFLAGEARKADALYILGDLFEAWIGDDDPNPLHRKMAAAIKAVSDSGVPCYFIHGNR
DFLLGKRFARESGMTLLPEEKVLELYGRRVLIMHGDTLCTDDAGYQAFRAKVHKPWLQTLHSALPSHVRKRIAARMRANS
TAANSSKSLAIMDVNQNAVVSAMEKHQVQWLIHGHTHRPAVHELIANQQPAFRVVLGAWHTEGSMVKVTADDVELIHFPF
LEHHHHHH
;
_entity_poly.pdbx_strand_id   A
#
# COMPACT_ATOMS: atom_id res chain seq x y z
N ALA A 2 10.08 -13.85 -6.43
CA ALA A 2 10.06 -12.87 -5.34
C ALA A 2 8.86 -11.95 -5.46
N THR A 3 8.23 -11.66 -4.34
CA THR A 3 7.09 -10.75 -4.29
C THR A 3 7.53 -9.45 -3.63
N LEU A 4 7.26 -8.33 -4.31
CA LEU A 4 7.79 -7.03 -3.91
C LEU A 4 6.69 -6.17 -3.33
N PHE A 5 7.05 -5.38 -2.31
CA PHE A 5 6.14 -4.45 -1.64
C PHE A 5 6.80 -3.09 -1.55
N ILE A 6 6.09 -2.04 -1.97
CA ILE A 6 6.56 -0.66 -1.86
C ILE A 6 5.39 0.22 -1.42
N ALA A 7 5.72 1.43 -0.97
CA ALA A 7 4.71 2.37 -0.53
C ALA A 7 5.33 3.74 -0.34
N ASP A 8 4.46 4.74 -0.17
CA ASP A 8 4.86 6.06 0.29
C ASP A 8 5.87 6.71 -0.65
N LEU A 9 5.61 6.58 -1.96
CA LEU A 9 6.40 7.28 -2.95
C LEU A 9 6.03 8.77 -3.01
N HIS A 10 4.76 9.08 -2.76
CA HIS A 10 4.31 10.48 -2.74
C HIS A 10 4.72 11.19 -4.03
N LEU A 11 4.44 10.53 -5.15
CA LEU A 11 4.87 11.05 -6.44
C LEU A 11 4.19 12.38 -6.74
N CYS A 12 4.96 13.33 -7.26
CA CYS A 12 4.37 14.59 -7.66
C CYS A 12 5.28 15.24 -8.70
N VAL A 13 4.70 16.14 -9.48
CA VAL A 13 5.42 16.78 -10.58
C VAL A 13 6.64 17.54 -10.06
N ALA A 14 6.56 18.07 -8.85
CA ALA A 14 7.63 18.89 -8.30
C ALA A 14 8.82 18.07 -7.80
N ALA A 15 8.74 16.74 -7.82
CA ALA A 15 9.80 15.87 -7.33
C ALA A 15 10.13 14.85 -8.42
N PRO A 16 10.77 15.29 -9.50
CA PRO A 16 11.00 14.39 -10.64
C PRO A 16 12.05 13.33 -10.39
N ALA A 17 12.96 13.55 -9.44
CA ALA A 17 13.96 12.53 -9.14
C ALA A 17 13.31 11.27 -8.58
N ILE A 18 12.33 11.42 -7.71
CA ILE A 18 11.58 10.27 -7.21
C ILE A 18 10.91 9.55 -8.38
N THR A 19 10.24 10.30 -9.24
CA THR A 19 9.56 9.70 -10.38
C THR A 19 10.54 8.93 -11.26
N ALA A 20 11.70 9.54 -11.54
CA ALA A 20 12.72 8.83 -12.31
C ALA A 20 13.14 7.55 -11.60
N GLY A 21 13.35 7.61 -10.28
CA GLY A 21 13.72 6.41 -9.54
C GLY A 21 12.65 5.35 -9.55
N PHE A 22 11.38 5.76 -9.56
CA PHE A 22 10.29 4.79 -9.64
C PHE A 22 10.25 4.13 -11.02
N LEU A 23 10.47 4.91 -12.07
CA LEU A 23 10.49 4.37 -13.42
C LEU A 23 11.61 3.36 -13.58
N ARG A 24 12.80 3.67 -13.05
CA ARG A 24 13.90 2.71 -13.09
C ARG A 24 13.51 1.42 -12.38
N PHE A 25 12.87 1.53 -11.21
CA PHE A 25 12.43 0.37 -10.47
C PHE A 25 11.48 -0.48 -11.31
N LEU A 26 10.46 0.14 -11.89
CA LEU A 26 9.48 -0.61 -12.67
C LEU A 26 10.11 -1.28 -13.87
N ALA A 27 11.09 -0.62 -14.49
CA ALA A 27 11.71 -1.16 -15.70
C ALA A 27 12.80 -2.19 -15.41
N GLY A 28 13.28 -2.25 -14.18
CA GLY A 28 14.32 -3.20 -13.82
C GLY A 28 13.84 -4.26 -12.86
N GLU A 29 13.95 -3.97 -11.56
CA GLU A 29 13.68 -4.97 -10.52
C GLU A 29 12.28 -5.56 -10.68
N ALA A 30 11.27 -4.71 -10.89
CA ALA A 30 9.89 -5.19 -10.91
C ALA A 30 9.67 -6.24 -11.99
N ARG A 31 10.36 -6.14 -13.13
CA ARG A 31 10.15 -7.10 -14.20
C ARG A 31 10.54 -8.51 -13.79
N LYS A 32 11.41 -8.66 -12.79
CA LYS A 32 11.86 -9.97 -12.33
C LYS A 32 11.02 -10.52 -11.18
N ALA A 33 10.03 -9.78 -10.70
CA ALA A 33 9.27 -10.20 -9.54
C ALA A 33 8.16 -11.17 -9.92
N ASP A 34 7.67 -11.90 -8.91
CA ASP A 34 6.46 -12.68 -9.07
C ASP A 34 5.23 -11.79 -9.06
N ALA A 35 5.26 -10.73 -8.25
CA ALA A 35 4.15 -9.80 -8.14
C ALA A 35 4.65 -8.54 -7.47
N LEU A 36 3.91 -7.45 -7.67
CA LEU A 36 4.25 -6.15 -7.09
C LEU A 36 3.03 -5.63 -6.34
N TYR A 37 3.22 -5.31 -5.06
CA TYR A 37 2.19 -4.73 -4.23
C TYR A 37 2.60 -3.32 -3.84
N ILE A 38 1.75 -2.35 -4.15
CA ILE A 38 1.97 -0.95 -3.80
C ILE A 38 0.98 -0.61 -2.70
N LEU A 39 1.48 -0.43 -1.49
CA LEU A 39 0.62 -0.32 -0.30
C LEU A 39 0.33 1.12 0.06
N GLY A 40 -0.05 1.94 -0.91
CA GLY A 40 -0.66 3.22 -0.65
C GLY A 40 0.34 4.38 -0.66
N ASP A 41 -0.23 5.58 -0.73
CA ASP A 41 0.56 6.82 -0.85
C ASP A 41 1.54 6.73 -2.02
N LEU A 42 1.05 6.20 -3.14
CA LEU A 42 1.81 6.22 -4.39
C LEU A 42 1.92 7.64 -4.93
N PHE A 43 0.85 8.43 -4.82
CA PHE A 43 0.84 9.83 -5.21
C PHE A 43 0.64 10.71 -3.98
N GLU A 44 1.15 11.95 -4.06
CA GLU A 44 0.99 12.88 -2.96
C GLU A 44 -0.47 13.28 -2.75
N ALA A 45 -1.31 13.12 -3.77
CA ALA A 45 -2.72 13.50 -3.68
C ALA A 45 -3.46 12.86 -4.84
N TRP A 46 -4.78 12.75 -4.68
CA TRP A 46 -5.59 12.21 -5.75
C TRP A 46 -7.02 12.74 -5.63
N ILE A 47 -7.58 13.16 -6.76
CA ILE A 47 -8.99 13.54 -6.84
C ILE A 47 -9.64 12.68 -7.91
N GLY A 48 -9.39 13.00 -9.17
CA GLY A 48 -10.08 12.40 -10.31
C GLY A 48 -9.16 11.45 -11.07
N ASP A 49 -9.70 10.26 -11.38
CA ASP A 49 -8.93 9.29 -12.16
C ASP A 49 -8.58 9.84 -13.53
N ASP A 50 -9.41 10.75 -14.06
CA ASP A 50 -9.19 11.35 -15.37
C ASP A 50 -8.75 12.81 -15.25
N ASP A 51 -8.05 13.15 -14.18
CA ASP A 51 -7.52 14.50 -14.06
C ASP A 51 -6.45 14.73 -15.12
N PRO A 52 -6.42 15.91 -15.76
CA PRO A 52 -5.35 16.20 -16.71
C PRO A 52 -4.01 16.35 -16.03
N ASN A 53 -3.28 15.25 -15.89
CA ASN A 53 -1.98 15.28 -15.26
C ASN A 53 -1.04 14.36 -16.04
N PRO A 54 -0.06 14.90 -16.76
CA PRO A 54 0.83 14.01 -17.53
C PRO A 54 1.55 13.02 -16.66
N LEU A 55 1.87 13.38 -15.41
CA LEU A 55 2.49 12.44 -14.49
C LEU A 55 1.61 11.20 -14.31
N HIS A 56 0.30 11.39 -14.17
CA HIS A 56 -0.59 10.25 -13.98
C HIS A 56 -0.58 9.34 -15.21
N ARG A 57 -0.64 9.91 -16.41
CA ARG A 57 -0.59 9.09 -17.61
C ARG A 57 0.70 8.29 -17.67
N LYS A 58 1.83 8.93 -17.35
CA LYS A 58 3.12 8.25 -17.51
C LYS A 58 3.27 7.13 -16.49
N MET A 59 2.83 7.36 -15.26
CA MET A 59 2.92 6.33 -14.24
C MET A 59 1.99 5.16 -14.56
N ALA A 60 0.79 5.45 -15.04
CA ALA A 60 -0.13 4.38 -15.40
C ALA A 60 0.46 3.49 -16.49
N ALA A 61 1.12 4.08 -17.48
CA ALA A 61 1.68 3.29 -18.58
C ALA A 61 2.88 2.48 -18.11
N ALA A 62 3.69 3.06 -17.23
CA ALA A 62 4.86 2.33 -16.73
C ALA A 62 4.45 1.16 -15.86
N ILE A 63 3.40 1.34 -15.06
CA ILE A 63 2.90 0.23 -14.25
C ILE A 63 2.22 -0.81 -15.13
N LYS A 64 1.39 -0.35 -16.07
CA LYS A 64 0.75 -1.28 -16.99
C LYS A 64 1.78 -2.08 -17.77
N ALA A 65 2.93 -1.49 -18.07
CA ALA A 65 3.97 -2.23 -18.79
C ALA A 65 4.55 -3.34 -17.93
N VAL A 66 4.53 -3.19 -16.61
CA VAL A 66 4.96 -4.26 -15.72
C VAL A 66 3.98 -5.42 -15.77
N SER A 67 2.69 -5.15 -15.56
CA SER A 67 1.70 -6.21 -15.57
C SER A 67 1.55 -6.82 -16.96
N ASP A 68 1.66 -6.01 -18.02
CA ASP A 68 1.64 -6.58 -19.37
C ASP A 68 2.79 -7.54 -19.59
N SER A 69 3.90 -7.35 -18.88
CA SER A 69 5.05 -8.24 -19.02
C SER A 69 4.87 -9.55 -18.25
N GLY A 70 3.77 -9.70 -17.51
CA GLY A 70 3.51 -10.91 -16.75
C GLY A 70 3.66 -10.79 -15.26
N VAL A 71 3.86 -9.58 -14.73
CA VAL A 71 4.06 -9.38 -13.30
C VAL A 71 2.84 -8.70 -12.70
N PRO A 72 1.93 -9.43 -12.05
CA PRO A 72 0.69 -8.81 -11.55
C PRO A 72 0.98 -7.69 -10.58
N CYS A 73 0.18 -6.63 -10.66
CA CYS A 73 0.33 -5.44 -9.84
C CYS A 73 -0.96 -5.19 -9.05
N TYR A 74 -0.79 -4.86 -7.76
CA TYR A 74 -1.89 -4.68 -6.84
C TYR A 74 -1.71 -3.37 -6.09
N PHE A 75 -2.84 -2.76 -5.68
CA PHE A 75 -2.79 -1.46 -5.03
C PHE A 75 -3.71 -1.45 -3.83
N ILE A 76 -3.17 -1.05 -2.68
CA ILE A 76 -3.95 -0.73 -1.49
C ILE A 76 -3.85 0.77 -1.27
N HIS A 77 -4.99 1.43 -1.10
CA HIS A 77 -5.03 2.88 -0.97
C HIS A 77 -4.36 3.32 0.32
N GLY A 78 -3.72 4.49 0.25
CA GLY A 78 -3.24 5.20 1.41
C GLY A 78 -4.14 6.38 1.74
N ASN A 79 -3.73 7.14 2.75
CA ASN A 79 -4.52 8.30 3.14
C ASN A 79 -4.40 9.44 2.13
N ARG A 80 -3.37 9.43 1.29
CA ARG A 80 -3.20 10.50 0.31
C ARG A 80 -3.98 10.25 -0.97
N ASP A 81 -4.09 9.00 -1.40
CA ASP A 81 -4.65 8.67 -2.70
C ASP A 81 -5.82 7.71 -2.58
N PHE A 82 -6.65 7.88 -1.55
CA PHE A 82 -7.78 6.99 -1.34
C PHE A 82 -8.90 7.19 -2.36
N LEU A 83 -8.89 8.29 -3.13
CA LEU A 83 -9.88 8.45 -4.19
C LEU A 83 -9.51 7.73 -5.47
N LEU A 84 -8.28 7.22 -5.59
CA LEU A 84 -7.89 6.49 -6.78
C LEU A 84 -8.87 5.35 -7.03
N GLY A 85 -9.43 5.31 -8.24
CA GLY A 85 -10.56 4.45 -8.51
C GLY A 85 -10.31 3.38 -9.55
N LYS A 86 -11.39 2.71 -9.96
CA LYS A 86 -11.28 1.57 -10.87
C LYS A 86 -10.78 2.02 -12.24
N ARG A 87 -11.13 3.23 -12.66
CA ARG A 87 -10.72 3.69 -13.98
C ARG A 87 -9.20 3.77 -14.07
N PHE A 88 -8.58 4.38 -13.05
CA PHE A 88 -7.13 4.46 -13.07
C PHE A 88 -6.48 3.09 -12.83
N ALA A 89 -7.10 2.24 -12.01
CA ALA A 89 -6.60 0.88 -11.88
C ALA A 89 -6.57 0.19 -13.23
N ARG A 90 -7.61 0.40 -14.04
CA ARG A 90 -7.64 -0.19 -15.38
C ARG A 90 -6.60 0.45 -16.30
N GLU A 91 -6.46 1.78 -16.25
CA GLU A 91 -5.44 2.45 -17.05
C GLU A 91 -4.05 1.93 -16.74
N SER A 92 -3.77 1.66 -15.47
CA SER A 92 -2.45 1.24 -15.01
C SER A 92 -2.29 -0.27 -14.94
N GLY A 93 -3.34 -1.04 -15.19
CA GLY A 93 -3.23 -2.48 -15.11
C GLY A 93 -3.06 -3.01 -13.71
N MET A 94 -3.62 -2.32 -12.72
CA MET A 94 -3.51 -2.71 -11.33
C MET A 94 -4.83 -3.29 -10.84
N THR A 95 -4.73 -4.23 -9.90
CA THR A 95 -5.89 -4.70 -9.14
C THR A 95 -5.96 -3.93 -7.84
N LEU A 96 -7.11 -3.32 -7.56
CA LEU A 96 -7.34 -2.65 -6.29
C LEU A 96 -7.71 -3.69 -5.25
N LEU A 97 -7.14 -3.54 -4.06
CA LEU A 97 -7.36 -4.47 -2.96
C LEU A 97 -8.01 -3.74 -1.79
N PRO A 98 -8.70 -4.46 -0.91
CA PRO A 98 -9.30 -3.82 0.27
C PRO A 98 -8.23 -3.29 1.22
N GLU A 99 -8.68 -2.52 2.21
CA GLU A 99 -7.77 -1.80 3.09
C GLU A 99 -6.89 -2.76 3.89
N GLU A 100 -7.38 -3.97 4.16
CA GLU A 100 -6.60 -5.01 4.80
C GLU A 100 -6.73 -6.28 3.96
N LYS A 101 -5.61 -6.89 3.60
CA LYS A 101 -5.64 -8.09 2.77
C LYS A 101 -4.61 -9.09 3.28
N VAL A 102 -5.04 -10.35 3.34
CA VAL A 102 -4.17 -11.47 3.67
C VAL A 102 -3.73 -12.13 2.36
N LEU A 103 -2.41 -12.31 2.21
CA LEU A 103 -1.87 -13.07 1.09
C LEU A 103 -1.32 -14.39 1.61
N GLU A 104 -1.33 -15.40 0.74
CA GLU A 104 -0.60 -16.65 0.97
C GLU A 104 0.67 -16.54 0.13
N LEU A 105 1.78 -16.23 0.78
CA LEU A 105 3.08 -16.10 0.13
C LEU A 105 3.93 -17.29 0.53
N TYR A 106 4.20 -18.16 -0.44
CA TYR A 106 5.11 -19.29 -0.25
C TYR A 106 4.78 -20.04 1.04
N GLY A 107 3.49 -20.32 1.24
CA GLY A 107 3.04 -21.09 2.37
C GLY A 107 2.77 -20.32 3.65
N ARG A 108 3.11 -19.03 3.71
CA ARG A 108 2.89 -18.22 4.89
C ARG A 108 1.77 -17.21 4.64
N ARG A 109 1.03 -16.90 5.70
CA ARG A 109 -0.03 -15.90 5.65
C ARG A 109 0.54 -14.54 6.05
N VAL A 110 0.34 -13.53 5.21
CA VAL A 110 0.91 -12.21 5.43
C VAL A 110 -0.19 -11.16 5.26
N LEU A 111 -0.33 -10.29 6.25
CA LEU A 111 -1.30 -9.21 6.20
C LEU A 111 -0.63 -7.96 5.65
N ILE A 112 -1.28 -7.30 4.70
CA ILE A 112 -0.77 -6.08 4.11
C ILE A 112 -1.83 -5.00 4.22
N MET A 113 -1.37 -3.76 4.38
CA MET A 113 -2.24 -2.60 4.52
C MET A 113 -1.35 -1.37 4.45
N HIS A 114 -1.97 -0.21 4.28
CA HIS A 114 -1.17 1.01 4.25
C HIS A 114 -0.58 1.31 5.61
N GLY A 115 -1.38 1.21 6.68
CA GLY A 115 -0.93 1.37 8.04
C GLY A 115 -1.58 2.51 8.79
N ASP A 116 -2.22 3.46 8.10
CA ASP A 116 -2.84 4.59 8.79
C ASP A 116 -4.04 4.14 9.61
N THR A 117 -4.74 3.09 9.18
CA THR A 117 -5.86 2.59 9.98
C THR A 117 -5.39 1.98 11.29
N LEU A 118 -4.10 1.72 11.46
CA LEU A 118 -3.54 1.39 12.76
C LEU A 118 -3.16 2.63 13.56
N CYS A 119 -3.42 3.82 13.00
CA CYS A 119 -3.25 5.14 13.63
C CYS A 119 -2.00 5.83 13.08
N THR A 120 -0.92 5.87 13.87
CA THR A 120 0.33 6.48 13.44
C THR A 120 0.16 7.97 13.12
N ASP A 121 -0.67 8.66 13.89
CA ASP A 121 -0.89 10.09 13.68
C ASP A 121 0.37 10.91 13.94
N LYS A 131 -24.55 0.53 11.68
CA LYS A 131 -25.47 -0.61 11.60
C LYS A 131 -24.86 -1.74 10.79
N VAL A 132 -25.18 -2.98 11.16
CA VAL A 132 -24.68 -4.16 10.46
C VAL A 132 -25.82 -5.16 10.30
N HIS A 133 -26.60 -5.34 11.36
CA HIS A 133 -27.67 -6.34 11.34
C HIS A 133 -28.62 -6.14 10.17
N LYS A 134 -28.92 -4.88 9.83
CA LYS A 134 -29.95 -4.59 8.83
C LYS A 134 -29.32 -4.05 7.55
N PRO A 135 -29.40 -4.76 6.43
CA PRO A 135 -28.75 -4.25 5.20
C PRO A 135 -29.22 -2.87 4.78
N TRP A 136 -30.53 -2.65 4.67
CA TRP A 136 -31.04 -1.33 4.28
C TRP A 136 -30.42 -0.24 5.12
N LEU A 137 -30.23 -0.51 6.42
CA LEU A 137 -29.47 0.39 7.28
C LEU A 137 -27.97 0.28 7.00
N GLN A 138 -27.47 -0.95 6.88
CA GLN A 138 -26.05 -1.17 6.60
C GLN A 138 -25.65 -0.45 5.30
N THR A 139 -26.45 -0.60 4.25
CA THR A 139 -26.17 0.08 2.98
C THR A 139 -25.85 1.55 3.22
N LEU A 140 -26.65 2.20 4.06
CA LEU A 140 -26.42 3.62 4.33
C LEU A 140 -25.04 3.85 4.91
N HIS A 141 -24.57 2.93 5.77
CA HIS A 141 -23.24 3.12 6.34
C HIS A 141 -22.16 2.76 5.34
N SER A 142 -22.37 1.72 4.53
CA SER A 142 -21.42 1.33 3.50
C SER A 142 -21.58 2.12 2.20
N ALA A 143 -22.29 3.25 2.24
CA ALA A 143 -22.51 4.08 1.05
C ALA A 143 -21.25 4.26 0.22
N LEU A 144 -20.12 4.60 0.88
CA LEU A 144 -18.84 4.64 0.22
C LEU A 144 -18.05 3.38 0.57
N PRO A 145 -17.11 2.96 -0.27
CA PRO A 145 -16.23 1.85 0.12
C PRO A 145 -15.54 2.18 1.44
N SER A 146 -15.35 1.14 2.25
CA SER A 146 -14.74 1.32 3.57
C SER A 146 -13.41 2.07 3.48
N HIS A 147 -12.63 1.81 2.43
CA HIS A 147 -11.33 2.45 2.33
C HIS A 147 -11.44 3.94 2.00
N VAL A 148 -12.62 4.41 1.62
CA VAL A 148 -12.86 5.84 1.46
C VAL A 148 -13.54 6.43 2.69
N ARG A 149 -14.54 5.74 3.23
CA ARG A 149 -15.31 6.29 4.34
C ARG A 149 -14.40 6.63 5.52
N LYS A 150 -13.49 5.73 5.86
CA LYS A 150 -12.64 5.95 7.03
C LYS A 150 -11.61 7.04 6.77
N ARG A 151 -11.08 7.12 5.55
CA ARG A 151 -10.11 8.16 5.24
C ARG A 151 -10.77 9.54 5.22
N ILE A 152 -11.96 9.64 4.62
CA ILE A 152 -12.63 10.94 4.53
C ILE A 152 -12.99 11.44 5.92
N ALA A 153 -13.47 10.55 6.78
CA ALA A 153 -13.88 10.96 8.12
C ALA A 153 -12.68 11.46 8.93
N ALA A 154 -11.56 10.74 8.84
CA ALA A 154 -10.35 11.14 9.56
C ALA A 154 -9.80 12.46 9.04
N ARG A 155 -9.77 12.62 7.70
CA ARG A 155 -9.25 13.86 7.13
C ARG A 155 -10.13 15.05 7.51
N MET A 156 -11.45 14.88 7.45
CA MET A 156 -12.36 15.96 7.84
C MET A 156 -12.15 16.32 9.30
N ARG A 157 -12.10 15.32 10.18
CA ARG A 157 -11.84 15.60 11.58
C ARG A 157 -10.52 16.34 11.75
N ALA A 158 -9.48 15.89 11.05
CA ALA A 158 -8.17 16.51 11.18
C ALA A 158 -8.16 17.93 10.62
N ASN A 159 -9.04 18.24 9.67
CA ASN A 159 -9.13 19.59 9.12
C ASN A 159 -10.03 20.51 9.96
N SER A 160 -10.74 19.97 10.95
CA SER A 160 -11.60 20.74 11.82
C SER A 160 -11.13 20.77 13.27
N THR A 161 -10.44 19.74 13.72
CA THR A 161 -9.96 19.63 15.10
C THR A 161 -11.03 20.01 16.11
N ASP A 173 3.43 7.28 15.62
CA ASP A 173 3.74 5.87 15.78
C ASP A 173 2.46 5.03 15.88
N VAL A 174 2.50 3.85 15.28
CA VAL A 174 1.32 2.98 15.22
C VAL A 174 0.97 2.47 16.61
N ASN A 175 -0.32 2.31 16.86
CA ASN A 175 -0.80 1.80 18.15
C ASN A 175 -0.58 0.30 18.23
N GLN A 176 0.08 -0.14 19.31
CA GLN A 176 0.45 -1.55 19.43
C GLN A 176 -0.77 -2.45 19.59
N ASN A 177 -1.78 -1.99 20.35
CA ASN A 177 -2.99 -2.79 20.49
C ASN A 177 -3.67 -3.02 19.14
N ALA A 178 -3.62 -2.02 18.26
CA ALA A 178 -4.20 -2.18 16.93
C ALA A 178 -3.43 -3.20 16.10
N VAL A 179 -2.10 -3.17 16.20
CA VAL A 179 -1.29 -4.18 15.50
C VAL A 179 -1.72 -5.57 15.92
N VAL A 180 -1.67 -5.85 17.23
CA VAL A 180 -2.05 -7.16 17.73
C VAL A 180 -3.45 -7.52 17.26
N SER A 181 -4.39 -6.59 17.45
CA SER A 181 -5.79 -6.87 17.12
C SER A 181 -5.97 -7.23 15.66
N ALA A 182 -5.26 -6.55 14.76
CA ALA A 182 -5.40 -6.84 13.34
C ALA A 182 -4.74 -8.16 12.98
N MET A 183 -3.65 -8.52 13.66
CA MET A 183 -2.98 -9.78 13.36
C MET A 183 -3.72 -10.98 13.95
N GLU A 184 -4.45 -10.79 15.06
CA GLU A 184 -5.28 -11.88 15.58
C GLU A 184 -6.57 -12.01 14.79
N LYS A 185 -7.12 -10.89 14.30
CA LYS A 185 -8.33 -10.95 13.49
C LYS A 185 -8.07 -11.69 12.18
N HIS A 186 -6.90 -11.48 11.58
CA HIS A 186 -6.58 -12.07 10.29
C HIS A 186 -5.77 -13.36 10.41
N GLN A 187 -5.54 -13.86 11.62
CA GLN A 187 -4.84 -15.12 11.84
C GLN A 187 -3.54 -15.14 11.05
N VAL A 188 -2.58 -14.36 11.55
CA VAL A 188 -1.42 -13.95 10.77
C VAL A 188 -0.27 -13.69 11.73
N GLN A 189 0.94 -14.06 11.30
CA GLN A 189 2.15 -13.79 12.07
C GLN A 189 3.07 -12.80 11.37
N TRP A 190 2.69 -12.30 10.20
CA TRP A 190 3.48 -11.33 9.46
C TRP A 190 2.60 -10.20 8.96
N LEU A 191 3.10 -8.97 9.11
CA LEU A 191 2.38 -7.77 8.70
C LEU A 191 3.34 -6.84 8.00
N ILE A 192 2.95 -6.36 6.82
CA ILE A 192 3.72 -5.37 6.09
C ILE A 192 2.84 -4.14 5.95
N HIS A 193 3.42 -2.95 6.20
CA HIS A 193 2.70 -1.71 5.99
C HIS A 193 3.71 -0.57 5.83
N GLY A 194 3.17 0.61 5.53
CA GLY A 194 3.96 1.84 5.47
C GLY A 194 3.33 2.95 6.27
N HIS A 195 3.10 4.10 5.62
CA HIS A 195 2.43 5.26 6.21
C HIS A 195 3.31 6.01 7.20
N THR A 196 3.93 5.29 8.14
CA THR A 196 4.70 5.95 9.18
C THR A 196 6.02 6.52 8.66
N HIS A 197 6.51 6.02 7.52
CA HIS A 197 7.75 6.49 6.93
C HIS A 197 8.95 6.20 7.81
N ARG A 198 8.85 5.21 8.70
CA ARG A 198 9.94 4.77 9.57
C ARG A 198 10.26 3.31 9.23
N PRO A 199 11.14 3.06 8.26
CA PRO A 199 11.45 1.67 7.91
C PRO A 199 12.11 0.93 9.06
N ALA A 200 11.61 -0.26 9.35
CA ALA A 200 12.07 -1.02 10.51
C ALA A 200 11.41 -2.39 10.48
N VAL A 201 11.93 -3.28 11.33
CA VAL A 201 11.36 -4.61 11.53
C VAL A 201 11.07 -4.76 13.02
N HIS A 202 9.80 -5.07 13.35
CA HIS A 202 9.37 -5.22 14.73
C HIS A 202 8.93 -6.65 14.99
N GLU A 203 9.20 -7.12 16.21
CA GLU A 203 8.77 -8.42 16.68
C GLU A 203 7.75 -8.26 17.80
N LEU A 204 6.85 -9.24 17.90
CA LEU A 204 5.75 -9.18 18.86
C LEU A 204 5.15 -10.58 18.98
N ILE A 205 4.01 -10.67 19.66
CA ILE A 205 3.29 -11.93 19.86
C ILE A 205 1.89 -11.77 19.32
N ALA A 206 1.40 -12.80 18.63
CA ALA A 206 0.03 -12.80 18.12
C ALA A 206 -0.39 -14.24 17.87
N ASN A 207 -1.59 -14.59 18.31
CA ASN A 207 -2.14 -15.94 18.10
C ASN A 207 -1.31 -17.00 18.82
N GLN A 208 -0.84 -16.66 20.02
CA GLN A 208 -0.06 -17.58 20.85
C GLN A 208 1.21 -18.02 20.13
N GLN A 209 1.73 -17.17 19.23
CA GLN A 209 2.95 -17.46 18.50
C GLN A 209 3.73 -16.17 18.29
N PRO A 210 4.99 -16.24 17.85
CA PRO A 210 5.71 -15.01 17.48
C PRO A 210 5.17 -14.42 16.20
N ALA A 211 5.32 -13.10 16.07
CA ALA A 211 4.80 -12.38 14.91
C ALA A 211 5.69 -11.18 14.62
N PHE A 212 5.62 -10.68 13.39
CA PHE A 212 6.56 -9.66 12.94
C PHE A 212 5.85 -8.66 12.04
N ARG A 213 6.29 -7.40 12.16
CA ARG A 213 5.67 -6.26 11.49
C ARG A 213 6.77 -5.49 10.74
N VAL A 214 6.75 -5.59 9.42
CA VAL A 214 7.77 -4.98 8.57
C VAL A 214 7.23 -3.66 8.03
N VAL A 215 7.98 -2.58 8.24
CA VAL A 215 7.54 -1.23 7.90
C VAL A 215 8.40 -0.72 6.76
N LEU A 216 7.75 -0.20 5.72
CA LEU A 216 8.43 0.35 4.56
C LEU A 216 8.82 1.80 4.82
N GLY A 217 9.70 2.31 3.95
CA GLY A 217 10.11 3.69 4.01
C GLY A 217 9.54 4.52 2.88
N ALA A 218 9.48 5.83 3.07
CA ALA A 218 9.08 6.75 2.02
C ALA A 218 10.23 6.95 1.03
N TRP A 219 9.88 7.40 -0.16
CA TRP A 219 10.85 7.59 -1.24
C TRP A 219 11.31 9.04 -1.35
N HIS A 220 11.43 9.74 -0.23
CA HIS A 220 11.82 11.14 -0.29
C HIS A 220 13.27 11.31 -0.74
N THR A 221 14.15 10.38 -0.39
CA THR A 221 15.56 10.46 -0.77
C THR A 221 16.14 9.16 -1.29
N GLU A 222 15.49 8.02 -1.07
CA GLU A 222 15.96 6.72 -1.53
C GLU A 222 14.76 5.80 -1.57
N GLY A 223 14.80 4.85 -2.49
CA GLY A 223 13.74 3.87 -2.56
C GLY A 223 13.89 2.80 -1.50
N SER A 224 12.78 2.11 -1.24
CA SER A 224 12.81 0.98 -0.32
C SER A 224 11.71 0.00 -0.70
N MET A 225 11.97 -1.27 -0.44
CA MET A 225 11.00 -2.32 -0.74
C MET A 225 11.18 -3.44 0.26
N VAL A 226 10.11 -4.21 0.45
CA VAL A 226 10.19 -5.52 1.09
C VAL A 226 10.20 -6.58 0.00
N LYS A 227 11.21 -7.43 0.00
CA LYS A 227 11.33 -8.52 -0.96
C LYS A 227 11.09 -9.83 -0.21
N VAL A 228 10.04 -10.54 -0.61
CA VAL A 228 9.66 -11.80 0.02
C VAL A 228 9.93 -12.92 -0.97
N THR A 229 10.63 -13.96 -0.50
CA THR A 229 10.88 -15.16 -1.28
C THR A 229 10.47 -16.37 -0.45
N ALA A 230 10.62 -17.56 -1.03
CA ALA A 230 10.33 -18.77 -0.28
C ALA A 230 11.26 -18.91 0.91
N ASP A 231 12.45 -18.31 0.85
CA ASP A 231 13.46 -18.47 1.88
C ASP A 231 13.63 -17.27 2.79
N ASP A 232 13.29 -16.05 2.33
CA ASP A 232 13.67 -14.86 3.06
C ASP A 232 12.66 -13.74 2.86
N VAL A 233 12.54 -12.91 3.88
CA VAL A 233 11.96 -11.57 3.79
C VAL A 233 13.06 -10.60 4.18
N GLU A 234 13.19 -9.51 3.43
CA GLU A 234 14.14 -8.49 3.86
C GLU A 234 13.68 -7.12 3.40
N LEU A 235 14.00 -6.13 4.23
CA LEU A 235 13.68 -4.73 3.97
C LEU A 235 14.90 -4.10 3.33
N ILE A 236 14.75 -3.66 2.08
CA ILE A 236 15.89 -3.25 1.25
C ILE A 236 15.73 -1.78 0.90
N HIS A 237 16.86 -1.07 0.90
CA HIS A 237 16.92 0.31 0.45
C HIS A 237 17.84 0.39 -0.75
N PHE A 238 17.45 1.17 -1.74
CA PHE A 238 18.24 1.34 -2.95
C PHE A 238 18.18 2.78 -3.42
N PRO A 239 19.29 3.32 -3.96
CA PRO A 239 19.26 4.69 -4.45
C PRO A 239 18.43 4.84 -5.71
N PHE A 240 18.08 6.10 -6.01
CA PHE A 240 17.34 6.39 -7.23
C PHE A 240 18.22 6.21 -8.47
N LEU A 241 19.53 6.35 -8.31
CA LEU A 241 20.49 6.32 -9.42
C LEU A 241 20.15 7.38 -10.47
#